data_4YMQ
#
_entry.id   4YMQ
#
_cell.length_a   61.909
_cell.length_b   61.909
_cell.length_c   156.965
_cell.angle_alpha   90.00
_cell.angle_beta   90.00
_cell.angle_gamma   90.00
#
_symmetry.space_group_name_H-M   'P 41 21 2'
#
loop_
_entity.id
_entity.type
_entity.pdbx_description
1 polymer 'Nuclear receptor ROR-gamma'
2 non-polymer 'SODIUM ION'
3 non-polymer GLYCEROL
4 non-polymer 4-{3-[4-(1,1,1,3,3,3-hexafluoro-2-hydroxypropan-2-yl)benzyl]-2,2-dioxido-2,1,3-benzothiadiazol-1(3H)-yl}-N-[(2R)-4-hydroxybutan-2-yl]-N-methylbutanamide
5 water water
#
_entity_poly.entity_id   1
_entity_poly.type   'polypeptide(L)'
_entity_poly.pdbx_seq_one_letter_code
;MGSSHHHHHHLVPRGSPEAPYASLTEIEHLVQSVCKSYRETCQLRLEDLLRQRSNIFSREEVTGYQRKSMWEMWERCAHH
LTEAIQYVVEFAKRLSGFMELCQNDQIVLLKAGAMEVVLVRMCRAYNADNRTVFFEGKYGGMELFRALGCSELISSIFDF
SHSLSALHFSEDEIALYTALVLINAHRPGLQEKRKVEQLQYNLELAFHHHLCKTHRQSILAKLPPKGKLRSLCSQHVERL
QIFQHLHPIVVQAAFPPLYKELFSGGGEKHKILHRLLQDS
;
_entity_poly.pdbx_strand_id   A
#
loop_
_chem_comp.id
_chem_comp.type
_chem_comp.name
_chem_comp.formula
GOL non-polymer GLYCEROL 'C3 H8 O3'
NA non-polymer 'SODIUM ION' 'Na 1'
ZBD non-polymer 4-{3-[4-(1,1,1,3,3,3-hexafluoro-2-hydroxypropan-2-yl)benzyl]-2,2-dioxido-2,1,3-benzothiadiazol-1(3H)-yl}-N-[(2R)-4-hydroxybutan-2-yl]-N-methylbutanamide 'C25 H29 F6 N3 O5 S'
#
# COMPACT_ATOMS: atom_id res chain seq x y z
N ALA A 22 -11.32 -25.93 7.57
CA ALA A 22 -10.60 -25.36 8.71
C ALA A 22 -11.55 -25.13 9.88
N SER A 23 -11.06 -25.38 11.10
CA SER A 23 -11.87 -25.24 12.31
C SER A 23 -11.72 -23.85 12.90
N LEU A 24 -12.24 -23.65 14.12
CA LEU A 24 -12.19 -22.33 14.74
C LEU A 24 -10.80 -22.01 15.25
N THR A 25 -10.16 -22.96 15.95
CA THR A 25 -8.83 -22.73 16.48
C THR A 25 -7.83 -22.42 15.37
N GLU A 26 -8.04 -22.99 14.19
CA GLU A 26 -7.16 -22.70 13.06
C GLU A 26 -7.38 -21.30 12.52
N ILE A 27 -8.64 -20.83 12.53
CA ILE A 27 -8.94 -19.48 12.05
C ILE A 27 -8.30 -18.44 12.98
N GLU A 28 -8.44 -18.64 14.29
N GLU A 28 -8.43 -18.65 14.30
CA GLU A 28 -7.84 -17.69 15.23
CA GLU A 28 -7.85 -17.71 15.25
C GLU A 28 -6.33 -17.69 15.10
C GLU A 28 -6.32 -17.72 15.18
N HIS A 29 -5.72 -18.86 14.86
CA HIS A 29 -4.27 -18.90 14.67
C HIS A 29 -3.86 -18.16 13.41
N LEU A 30 -4.70 -18.21 12.37
CA LEU A 30 -4.45 -17.41 11.18
C LEU A 30 -4.54 -15.91 11.47
N VAL A 31 -5.52 -15.52 12.31
CA VAL A 31 -5.62 -14.11 12.69
C VAL A 31 -4.33 -13.64 13.35
N GLN A 32 -3.86 -14.39 14.35
CA GLN A 32 -2.63 -14.00 15.04
C GLN A 32 -1.44 -14.03 14.10
N SER A 33 -1.38 -15.01 13.21
CA SER A 33 -0.25 -15.09 12.27
C SER A 33 -0.20 -13.88 11.35
N VAL A 34 -1.37 -13.46 10.84
CA VAL A 34 -1.41 -12.33 9.91
C VAL A 34 -1.03 -11.05 10.62
N CYS A 35 -1.58 -10.84 11.82
CA CYS A 35 -1.28 -9.64 12.60
C CYS A 35 0.20 -9.58 12.96
N LYS A 36 0.82 -10.71 13.26
CA LYS A 36 2.24 -10.73 13.56
C LYS A 36 3.06 -10.38 12.33
N SER A 37 2.71 -10.95 11.17
CA SER A 37 3.45 -10.67 9.95
C SER A 37 3.37 -9.19 9.59
N TYR A 38 2.20 -8.59 9.79
CA TYR A 38 2.05 -7.16 9.52
C TYR A 38 2.88 -6.31 10.48
N ARG A 39 2.88 -6.65 11.77
CA ARG A 39 3.64 -5.86 12.74
C ARG A 39 5.12 -5.86 12.42
N GLU A 40 5.65 -7.00 11.96
CA GLU A 40 7.06 -7.11 11.64
C GLU A 40 7.43 -6.35 10.37
N THR A 41 6.46 -6.02 9.53
CA THR A 41 6.71 -5.43 8.23
C THR A 41 5.99 -4.10 8.06
N CYS A 42 5.54 -3.48 9.14
CA CYS A 42 4.73 -2.27 9.02
C CYS A 42 5.56 -1.03 8.65
N GLN A 43 6.89 -1.14 8.71
CA GLN A 43 7.83 -0.10 8.30
C GLN A 43 7.84 1.10 9.25
N LEU A 44 6.72 1.81 9.33
CA LEU A 44 6.56 2.96 10.21
C LEU A 44 5.70 2.54 11.39
N ARG A 45 6.25 2.70 12.60
CA ARG A 45 5.49 2.40 13.80
C ARG A 45 4.36 3.41 13.98
N LEU A 46 3.16 2.90 14.29
CA LEU A 46 2.00 3.76 14.44
C LEU A 46 2.23 4.85 15.48
N GLU A 47 2.78 4.49 16.65
CA GLU A 47 3.01 5.49 17.68
C GLU A 47 4.02 6.55 17.22
N ASP A 48 4.99 6.15 16.39
CA ASP A 48 5.92 7.13 15.85
C ASP A 48 5.21 8.12 14.94
N LEU A 49 4.29 7.63 14.10
CA LEU A 49 3.51 8.51 13.24
C LEU A 49 2.65 9.47 14.06
N LEU A 50 2.11 8.99 15.18
CA LEU A 50 1.25 9.85 16.01
C LEU A 50 2.06 10.91 16.74
N ARG A 51 3.21 10.53 17.31
CA ARG A 51 4.01 11.47 18.10
C ARG A 51 4.51 12.64 17.27
N GLN A 52 4.51 12.53 15.94
CA GLN A 52 5.04 13.56 15.06
C GLN A 52 3.96 14.45 14.47
N ARG A 53 2.72 14.33 14.92
CA ARG A 53 1.62 15.05 14.27
C ARG A 53 1.74 16.56 14.43
N SER A 54 2.37 17.03 15.50
CA SER A 54 2.57 18.47 15.69
C SER A 54 3.67 19.02 14.80
N ASN A 55 4.54 18.15 14.28
CA ASN A 55 5.69 18.55 13.49
C ASN A 55 5.24 18.77 12.05
N ILE A 56 4.92 20.02 11.71
CA ILE A 56 4.37 20.38 10.41
C ILE A 56 5.35 21.29 9.67
N PHE A 57 5.41 21.13 8.34
CA PHE A 57 6.23 22.01 7.53
C PHE A 57 5.73 23.44 7.62
N SER A 58 6.66 24.38 7.77
CA SER A 58 6.33 25.79 7.70
C SER A 58 5.97 26.16 6.28
N ARG A 59 5.37 27.35 6.11
CA ARG A 59 5.07 27.83 4.77
C ARG A 59 6.33 27.93 3.93
N GLU A 60 7.46 28.28 4.55
CA GLU A 60 8.72 28.38 3.84
C GLU A 60 9.17 27.01 3.33
N GLU A 61 9.01 25.97 4.15
CA GLU A 61 9.36 24.63 3.70
C GLU A 61 8.41 24.15 2.61
N VAL A 62 7.12 24.49 2.71
CA VAL A 62 6.17 24.12 1.66
C VAL A 62 6.54 24.80 0.35
N THR A 63 6.88 26.09 0.41
CA THR A 63 7.34 26.81 -0.77
C THR A 63 8.59 26.15 -1.36
N GLY A 64 9.49 25.67 -0.51
CA GLY A 64 10.67 24.98 -1.00
C GLY A 64 10.33 23.73 -1.80
N TYR A 65 9.34 22.97 -1.34
CA TYR A 65 8.92 21.79 -2.10
C TYR A 65 8.26 22.18 -3.41
N GLN A 66 7.48 23.25 -3.42
CA GLN A 66 6.81 23.68 -4.64
C GLN A 66 7.80 24.23 -5.67
N ARG A 67 8.94 24.74 -5.22
CA ARG A 67 9.96 25.27 -6.12
C ARG A 67 10.85 24.18 -6.69
N LYS A 68 10.79 22.96 -6.17
CA LYS A 68 11.58 21.88 -6.74
C LYS A 68 11.07 21.52 -8.13
N SER A 69 11.98 21.04 -8.98
CA SER A 69 11.59 20.69 -10.34
C SER A 69 10.66 19.49 -10.31
N MET A 70 9.86 19.37 -11.37
CA MET A 70 8.96 18.23 -11.49
C MET A 70 9.70 16.91 -11.42
N TRP A 71 10.82 16.79 -12.14
CA TRP A 71 11.52 15.51 -12.18
C TRP A 71 12.19 15.17 -10.86
N GLU A 72 12.68 16.18 -10.13
CA GLU A 72 13.21 15.93 -8.79
C GLU A 72 12.14 15.39 -7.85
N MET A 73 10.93 15.93 -7.92
CA MET A 73 9.88 15.48 -7.01
C MET A 73 9.41 14.08 -7.38
N TRP A 74 9.31 13.79 -8.69
CA TRP A 74 8.93 12.44 -9.11
C TRP A 74 9.95 11.41 -8.66
N GLU A 75 11.24 11.71 -8.81
CA GLU A 75 12.28 10.80 -8.36
C GLU A 75 12.19 10.56 -6.85
N ARG A 76 11.97 11.62 -6.07
CA ARG A 76 11.91 11.45 -4.62
C ARG A 76 10.70 10.64 -4.21
N CYS A 77 9.55 10.88 -4.84
CA CYS A 77 8.36 10.12 -4.52
C CYS A 77 8.47 8.68 -5.02
N ALA A 78 9.10 8.47 -6.17
CA ALA A 78 9.31 7.09 -6.63
C ALA A 78 10.24 6.33 -5.71
N HIS A 79 11.25 7.01 -5.15
CA HIS A 79 12.12 6.40 -4.16
C HIS A 79 11.35 6.01 -2.91
N HIS A 80 10.49 6.91 -2.41
CA HIS A 80 9.74 6.61 -1.20
C HIS A 80 8.75 5.47 -1.44
N LEU A 81 8.07 5.48 -2.59
CA LEU A 81 7.15 4.41 -2.93
C LEU A 81 7.86 3.07 -3.03
N THR A 82 9.04 3.04 -3.65
CA THR A 82 9.78 1.81 -3.79
C THR A 82 10.14 1.21 -2.44
N GLU A 83 10.56 2.07 -1.50
CA GLU A 83 10.89 1.59 -0.17
C GLU A 83 9.69 0.97 0.52
N ALA A 84 8.53 1.62 0.42
CA ALA A 84 7.32 1.07 1.04
C ALA A 84 6.93 -0.26 0.40
N ILE A 85 7.06 -0.36 -0.92
CA ILE A 85 6.75 -1.61 -1.62
C ILE A 85 7.64 -2.74 -1.13
N GLN A 86 8.90 -2.44 -0.83
CA GLN A 86 9.82 -3.45 -0.33
C GLN A 86 9.31 -4.06 0.98
N TYR A 87 8.68 -3.25 1.84
CA TYR A 87 8.09 -3.80 3.05
C TYR A 87 6.84 -4.62 2.76
N VAL A 88 6.08 -4.27 1.71
CA VAL A 88 4.93 -5.08 1.34
C VAL A 88 5.37 -6.44 0.81
N VAL A 89 6.50 -6.48 0.09
CA VAL A 89 7.03 -7.76 -0.39
C VAL A 89 7.37 -8.66 0.79
N GLU A 90 7.98 -8.10 1.84
CA GLU A 90 8.33 -8.88 3.03
C GLU A 90 7.07 -9.34 3.77
N PHE A 91 6.05 -8.49 3.83
CA PHE A 91 4.76 -8.89 4.39
C PHE A 91 4.22 -10.12 3.65
N ALA A 92 4.24 -10.08 2.32
CA ALA A 92 3.76 -11.21 1.53
C ALA A 92 4.57 -12.47 1.83
N LYS A 93 5.90 -12.35 1.90
CA LYS A 93 6.74 -13.51 2.13
C LYS A 93 6.52 -14.12 3.51
N ARG A 94 6.09 -13.31 4.48
CA ARG A 94 5.78 -13.83 5.80
C ARG A 94 4.34 -14.28 5.95
N LEU A 95 3.52 -14.05 4.92
CA LEU A 95 2.09 -14.34 4.98
C LEU A 95 1.85 -15.84 4.78
N SER A 96 1.05 -16.43 5.67
CA SER A 96 0.80 -17.87 5.63
C SER A 96 0.22 -18.27 4.29
N GLY A 97 0.87 -19.23 3.62
CA GLY A 97 0.39 -19.77 2.37
C GLY A 97 0.90 -19.06 1.13
N PHE A 98 1.42 -17.84 1.26
CA PHE A 98 1.90 -17.11 0.07
C PHE A 98 3.09 -17.82 -0.57
N MET A 99 4.10 -18.17 0.23
CA MET A 99 5.27 -18.84 -0.33
C MET A 99 4.96 -20.26 -0.80
N GLU A 100 3.80 -20.82 -0.44
CA GLU A 100 3.40 -22.12 -0.98
C GLU A 100 2.92 -22.01 -2.42
N LEU A 101 2.37 -20.85 -2.80
CA LEU A 101 1.94 -20.65 -4.17
C LEU A 101 3.16 -20.71 -5.10
N CYS A 102 2.89 -21.02 -6.36
CA CYS A 102 3.96 -21.06 -7.36
C CYS A 102 4.49 -19.66 -7.62
N GLN A 103 5.71 -19.61 -8.16
CA GLN A 103 6.40 -18.33 -8.32
C GLN A 103 5.66 -17.40 -9.27
N ASN A 104 5.11 -17.95 -10.37
CA ASN A 104 4.32 -17.13 -11.28
C ASN A 104 3.20 -16.41 -10.54
N ASP A 105 2.48 -17.13 -9.66
CA ASP A 105 1.36 -16.55 -8.94
C ASP A 105 1.82 -15.57 -7.87
N GLN A 106 2.97 -15.84 -7.22
CA GLN A 106 3.53 -14.88 -6.27
C GLN A 106 3.80 -13.55 -6.96
N ILE A 107 4.38 -13.60 -8.17
CA ILE A 107 4.71 -12.39 -8.91
C ILE A 107 3.44 -11.70 -9.43
N VAL A 108 2.49 -12.48 -9.93
CA VAL A 108 1.23 -11.90 -10.39
C VAL A 108 0.55 -11.13 -9.26
N LEU A 109 0.47 -11.75 -8.08
CA LEU A 109 -0.21 -11.12 -6.95
C LEU A 109 0.52 -9.88 -6.48
N LEU A 110 1.85 -9.90 -6.45
CA LEU A 110 2.59 -8.73 -5.99
C LEU A 110 2.54 -7.59 -7.02
N LYS A 111 2.58 -7.91 -8.32
CA LYS A 111 2.52 -6.86 -9.33
C LYS A 111 1.18 -6.12 -9.27
N ALA A 112 0.08 -6.85 -9.06
CA ALA A 112 -1.23 -6.22 -9.04
C ALA A 112 -1.55 -5.63 -7.66
N GLY A 113 -1.00 -6.20 -6.60
CA GLY A 113 -1.47 -5.87 -5.27
C GLY A 113 -0.55 -5.02 -4.39
N ALA A 114 0.75 -4.95 -4.73
CA ALA A 114 1.68 -4.25 -3.85
C ALA A 114 1.31 -2.78 -3.71
N MET A 115 1.02 -2.11 -4.82
CA MET A 115 0.63 -0.71 -4.77
C MET A 115 -0.69 -0.53 -4.02
N GLU A 116 -1.64 -1.44 -4.21
CA GLU A 116 -2.91 -1.36 -3.49
C GLU A 116 -2.69 -1.48 -1.98
N VAL A 117 -1.80 -2.37 -1.56
CA VAL A 117 -1.47 -2.47 -0.13
C VAL A 117 -0.89 -1.16 0.38
N VAL A 118 0.05 -0.57 -0.37
CA VAL A 118 0.66 0.69 0.04
C VAL A 118 -0.41 1.76 0.20
N LEU A 119 -1.36 1.82 -0.73
CA LEU A 119 -2.41 2.82 -0.68
C LEU A 119 -3.24 2.70 0.59
N VAL A 120 -3.52 1.47 1.04
CA VAL A 120 -4.24 1.28 2.29
C VAL A 120 -3.35 1.61 3.48
N ARG A 121 -2.11 1.12 3.47
CA ARG A 121 -1.18 1.40 4.56
C ARG A 121 -0.94 2.91 4.74
N MET A 122 -1.05 3.70 3.66
CA MET A 122 -0.77 5.13 3.75
C MET A 122 -1.71 5.85 4.70
N CYS A 123 -2.89 5.28 4.99
CA CYS A 123 -3.83 5.98 5.86
C CYS A 123 -3.30 6.16 7.28
N ARG A 124 -2.35 5.31 7.69
CA ARG A 124 -1.75 5.45 9.01
C ARG A 124 -0.97 6.76 9.15
N ALA A 125 -0.37 7.25 8.07
CA ALA A 125 0.39 8.49 8.09
C ALA A 125 -0.44 9.70 7.68
N TYR A 126 -1.76 9.55 7.59
CA TYR A 126 -2.65 10.63 7.21
C TYR A 126 -3.34 11.16 8.47
N ASN A 127 -3.28 12.48 8.67
CA ASN A 127 -3.94 13.15 9.78
C ASN A 127 -5.21 13.82 9.25
N ALA A 128 -6.36 13.22 9.54
CA ALA A 128 -7.65 13.74 9.07
C ALA A 128 -8.05 15.05 9.74
N ASP A 129 -7.43 15.41 10.87
CA ASP A 129 -7.78 16.67 11.52
C ASP A 129 -7.39 17.87 10.67
N ASN A 130 -6.18 17.84 10.10
CA ASN A 130 -5.67 18.95 9.31
C ASN A 130 -5.42 18.57 7.85
N ARG A 131 -5.75 17.35 7.45
CA ARG A 131 -5.57 16.87 6.08
C ARG A 131 -4.09 16.93 5.65
N THR A 132 -3.22 16.40 6.52
CA THR A 132 -1.79 16.38 6.25
C THR A 132 -1.29 14.94 6.30
N VAL A 133 -0.13 14.72 5.67
CA VAL A 133 0.49 13.42 5.59
C VAL A 133 1.93 13.52 6.03
N PHE A 134 2.46 12.42 6.57
CA PHE A 134 3.84 12.36 7.02
C PHE A 134 4.74 12.10 5.82
N PHE A 135 5.54 13.10 5.45
CA PHE A 135 6.39 13.01 4.27
C PHE A 135 7.73 13.64 4.60
N GLU A 136 8.80 12.83 4.53
CA GLU A 136 10.17 13.29 4.74
C GLU A 136 10.34 14.05 6.06
N GLY A 137 9.79 13.49 7.13
CA GLY A 137 10.09 13.92 8.48
C GLY A 137 9.06 14.82 9.12
N LYS A 138 8.15 15.42 8.36
CA LYS A 138 7.14 16.30 8.90
C LYS A 138 5.83 16.08 8.18
N TYR A 139 4.76 16.71 8.70
CA TYR A 139 3.44 16.62 8.11
C TYR A 139 3.20 17.82 7.20
N GLY A 140 2.57 17.57 6.06
CA GLY A 140 2.22 18.62 5.13
C GLY A 140 0.97 18.28 4.36
N GLY A 141 0.29 19.33 3.88
CA GLY A 141 -0.93 19.17 3.12
C GLY A 141 -0.68 18.83 1.65
N MET A 142 -1.78 18.79 0.89
CA MET A 142 -1.74 18.41 -0.52
C MET A 142 -0.85 19.33 -1.33
N GLU A 143 -0.78 20.60 -0.93
CA GLU A 143 -0.02 21.58 -1.69
C GLU A 143 1.48 21.30 -1.68
N LEU A 144 1.94 20.39 -0.82
CA LEU A 144 3.35 20.05 -0.80
C LEU A 144 3.79 19.41 -2.12
N PHE A 145 2.88 18.73 -2.81
CA PHE A 145 3.20 17.90 -3.96
C PHE A 145 2.86 18.57 -5.29
N ARG A 146 2.67 19.89 -5.29
CA ARG A 146 2.19 20.59 -6.48
C ARG A 146 3.19 20.50 -7.64
N ALA A 147 4.48 20.35 -7.35
CA ALA A 147 5.46 20.30 -8.42
C ALA A 147 5.36 19.04 -9.26
N LEU A 148 4.70 17.99 -8.73
CA LEU A 148 4.54 16.75 -9.50
C LEU A 148 3.69 16.96 -10.74
N GLY A 149 2.81 17.96 -10.74
CA GLY A 149 1.88 18.14 -11.83
C GLY A 149 0.91 16.99 -12.01
N CYS A 150 0.43 16.40 -10.90
CA CYS A 150 -0.60 15.38 -10.97
C CYS A 150 -1.58 15.59 -9.81
N SER A 151 -2.18 16.80 -9.79
CA SER A 151 -3.02 17.22 -8.68
C SER A 151 -4.24 16.32 -8.52
N GLU A 152 -4.83 15.87 -9.63
CA GLU A 152 -6.02 15.01 -9.53
C GLU A 152 -5.69 13.68 -8.87
N LEU A 153 -4.55 13.08 -9.24
CA LEU A 153 -4.13 11.83 -8.61
C LEU A 153 -3.86 12.04 -7.12
N ILE A 154 -3.10 13.08 -6.78
CA ILE A 154 -2.80 13.37 -5.38
C ILE A 154 -4.09 13.58 -4.59
N SER A 155 -5.00 14.39 -5.14
CA SER A 155 -6.26 14.65 -4.45
C SER A 155 -7.07 13.38 -4.25
N SER A 156 -7.05 12.48 -5.24
CA SER A 156 -7.76 11.20 -5.10
C SER A 156 -7.16 10.37 -3.97
N ILE A 157 -5.83 10.37 -3.84
CA ILE A 157 -5.18 9.57 -2.80
C ILE A 157 -5.47 10.17 -1.42
N PHE A 158 -5.44 11.49 -1.31
CA PHE A 158 -5.80 12.14 -0.06
C PHE A 158 -7.23 11.83 0.35
N ASP A 159 -8.16 11.87 -0.60
CA ASP A 159 -9.55 11.53 -0.30
C ASP A 159 -9.68 10.08 0.14
N PHE A 160 -8.99 9.17 -0.55
CA PHE A 160 -9.04 7.76 -0.18
C PHE A 160 -8.55 7.54 1.23
N SER A 161 -7.41 8.17 1.59
CA SER A 161 -6.92 8.08 2.97
C SER A 161 -7.90 8.71 3.95
N HIS A 162 -8.56 9.79 3.53
CA HIS A 162 -9.55 10.43 4.39
C HIS A 162 -10.72 9.49 4.65
N SER A 163 -11.14 8.75 3.61
CA SER A 163 -12.22 7.78 3.78
C SER A 163 -11.82 6.67 4.74
N LEU A 164 -10.60 6.12 4.59
CA LEU A 164 -10.14 5.06 5.48
C LEU A 164 -9.98 5.58 6.90
N SER A 165 -9.54 6.83 7.06
CA SER A 165 -9.35 7.39 8.40
C SER A 165 -10.66 7.48 9.15
N ALA A 166 -11.77 7.69 8.44
CA ALA A 166 -13.10 7.74 9.06
C ALA A 166 -13.54 6.40 9.63
N LEU A 167 -12.87 5.30 9.26
CA LEU A 167 -13.23 3.99 9.80
C LEU A 167 -12.50 3.67 11.10
N HIS A 168 -11.44 4.40 11.43
CA HIS A 168 -10.68 4.19 12.67
C HIS A 168 -10.14 2.76 12.77
N PHE A 169 -9.45 2.34 11.71
CA PHE A 169 -8.85 1.02 11.65
C PHE A 169 -7.93 0.79 12.84
N SER A 170 -8.06 -0.38 13.47
CA SER A 170 -7.01 -0.84 14.36
C SER A 170 -5.87 -1.43 13.54
N GLU A 171 -4.71 -1.59 14.17
CA GLU A 171 -3.57 -2.19 13.48
C GLU A 171 -3.89 -3.61 13.04
N ASP A 172 -4.58 -4.37 13.91
CA ASP A 172 -4.98 -5.72 13.54
C ASP A 172 -5.93 -5.72 12.34
N GLU A 173 -6.84 -4.75 12.27
CA GLU A 173 -7.76 -4.68 11.15
C GLU A 173 -7.03 -4.35 9.85
N ILE A 174 -6.08 -3.42 9.89
CA ILE A 174 -5.27 -3.13 8.72
C ILE A 174 -4.54 -4.39 8.25
N ALA A 175 -3.99 -5.16 9.20
CA ALA A 175 -3.27 -6.38 8.85
C ALA A 175 -4.14 -7.33 8.04
N LEU A 176 -5.33 -7.63 8.56
CA LEU A 176 -6.21 -8.61 7.92
C LEU A 176 -6.75 -8.09 6.60
N TYR A 177 -7.09 -6.80 6.55
CA TYR A 177 -7.64 -6.23 5.32
C TYR A 177 -6.58 -6.19 4.21
N THR A 178 -5.34 -5.80 4.53
CA THR A 178 -4.30 -5.76 3.52
C THR A 178 -3.87 -7.15 3.07
N ALA A 179 -3.94 -8.15 3.95
CA ALA A 179 -3.73 -9.52 3.51
C ALA A 179 -4.71 -9.91 2.41
N LEU A 180 -5.97 -9.50 2.55
CA LEU A 180 -6.99 -9.82 1.57
C LEU A 180 -6.83 -9.01 0.29
N VAL A 181 -6.37 -7.76 0.40
CA VAL A 181 -6.06 -6.97 -0.79
C VAL A 181 -5.02 -7.68 -1.63
N LEU A 182 -4.03 -8.28 -0.99
CA LEU A 182 -2.96 -8.98 -1.71
C LEU A 182 -3.44 -10.33 -2.23
N ILE A 183 -4.10 -11.12 -1.39
CA ILE A 183 -4.51 -12.47 -1.77
C ILE A 183 -5.88 -12.35 -2.44
N ASN A 184 -5.85 -12.04 -3.73
CA ASN A 184 -7.03 -11.81 -4.57
C ASN A 184 -6.99 -12.85 -5.67
N ALA A 185 -7.88 -13.82 -5.62
CA ALA A 185 -7.90 -14.91 -6.59
C ALA A 185 -8.46 -14.50 -7.95
N HIS A 186 -8.88 -13.25 -8.12
CA HIS A 186 -9.39 -12.78 -9.39
C HIS A 186 -8.35 -12.05 -10.25
N ARG A 187 -7.10 -11.97 -9.79
CA ARG A 187 -6.07 -11.33 -10.59
C ARG A 187 -5.88 -12.10 -11.89
N PRO A 188 -5.85 -11.43 -13.05
CA PRO A 188 -5.56 -12.15 -14.29
C PRO A 188 -4.13 -12.67 -14.29
N GLY A 189 -3.95 -13.87 -14.82
CA GLY A 189 -2.65 -14.46 -14.97
C GLY A 189 -2.31 -15.55 -13.97
N LEU A 190 -3.18 -15.82 -13.01
CA LEU A 190 -2.91 -16.83 -11.98
C LEU A 190 -2.96 -18.22 -12.59
N GLN A 191 -1.94 -19.03 -12.29
CA GLN A 191 -1.87 -20.40 -12.82
C GLN A 191 -2.61 -21.40 -11.92
N GLU A 192 -2.67 -21.14 -10.62
CA GLU A 192 -3.35 -22.04 -9.67
C GLU A 192 -4.45 -21.22 -8.99
N LYS A 193 -5.51 -20.94 -9.75
CA LYS A 193 -6.57 -20.07 -9.24
C LYS A 193 -7.26 -20.68 -8.03
N ARG A 194 -7.50 -22.00 -8.05
CA ARG A 194 -8.18 -22.66 -6.93
C ARG A 194 -7.37 -22.55 -5.64
N LYS A 195 -6.04 -22.70 -5.74
CA LYS A 195 -5.19 -22.59 -4.57
C LYS A 195 -5.27 -21.19 -3.96
N VAL A 196 -5.28 -20.15 -4.81
CA VAL A 196 -5.40 -18.80 -4.29
C VAL A 196 -6.80 -18.56 -3.72
N GLU A 197 -7.81 -19.17 -4.34
CA GLU A 197 -9.18 -19.05 -3.84
C GLU A 197 -9.31 -19.63 -2.44
N GLN A 198 -8.65 -20.76 -2.19
CA GLN A 198 -8.71 -21.37 -0.86
C GLN A 198 -8.01 -20.48 0.17
N LEU A 199 -6.86 -19.92 -0.17
CA LEU A 199 -6.16 -19.05 0.75
C LEU A 199 -6.95 -17.76 1.01
N GLN A 200 -7.54 -17.20 -0.04
CA GLN A 200 -8.37 -16.01 0.14
C GLN A 200 -9.55 -16.28 1.08
N TYR A 201 -10.20 -17.45 0.91
CA TYR A 201 -11.35 -17.77 1.74
C TYR A 201 -10.95 -17.90 3.21
N ASN A 202 -9.83 -18.58 3.49
CA ASN A 202 -9.35 -18.69 4.86
C ASN A 202 -9.06 -17.31 5.44
N LEU A 203 -8.46 -16.42 4.64
CA LEU A 203 -8.21 -15.06 5.09
C LEU A 203 -9.50 -14.28 5.30
N GLU A 204 -10.51 -14.52 4.46
CA GLU A 204 -11.81 -13.84 4.66
C GLU A 204 -12.46 -14.31 5.95
N LEU A 205 -12.42 -15.61 6.24
CA LEU A 205 -12.97 -16.11 7.49
C LEU A 205 -12.23 -15.50 8.68
N ALA A 206 -10.91 -15.43 8.60
CA ALA A 206 -10.13 -14.81 9.67
C ALA A 206 -10.52 -13.36 9.88
N PHE A 207 -10.59 -12.59 8.79
CA PHE A 207 -10.98 -11.19 8.87
C PHE A 207 -12.37 -11.04 9.50
N HIS A 208 -13.35 -11.77 8.98
CA HIS A 208 -14.72 -11.62 9.47
C HIS A 208 -14.87 -12.19 10.88
N HIS A 209 -14.13 -13.25 11.22
CA HIS A 209 -14.17 -13.75 12.58
C HIS A 209 -13.65 -12.70 13.56
N HIS A 210 -12.58 -12.00 13.18
CA HIS A 210 -12.03 -10.97 14.05
C HIS A 210 -12.99 -9.80 14.21
N LEU A 211 -13.67 -9.41 13.14
CA LEU A 211 -14.62 -8.31 13.24
C LEU A 211 -15.82 -8.70 14.09
N CYS A 212 -16.26 -9.95 13.99
CA CYS A 212 -17.40 -10.40 14.79
C CYS A 212 -17.04 -10.42 16.28
N LYS A 213 -15.85 -10.96 16.60
CA LYS A 213 -15.43 -11.05 17.99
C LYS A 213 -15.20 -9.69 18.63
N THR A 214 -14.76 -8.71 17.85
CA THR A 214 -14.50 -7.36 18.35
C THR A 214 -15.67 -6.41 18.14
N HIS A 215 -16.82 -6.91 17.67
CA HIS A 215 -18.01 -6.10 17.43
C HIS A 215 -17.76 -4.98 16.42
N ARG A 216 -17.09 -5.31 15.33
CA ARG A 216 -16.71 -4.34 14.32
C ARG A 216 -17.21 -4.70 12.93
N GLN A 217 -18.20 -5.61 12.83
CA GLN A 217 -18.71 -6.02 11.53
C GLN A 217 -19.36 -4.87 10.77
N SER A 218 -19.66 -3.76 11.44
CA SER A 218 -20.29 -2.62 10.76
C SER A 218 -19.37 -1.97 9.74
N ILE A 219 -18.05 -2.19 9.82
CA ILE A 219 -17.15 -1.55 8.87
C ILE A 219 -17.20 -2.22 7.51
N LEU A 220 -17.76 -3.42 7.42
CA LEU A 220 -17.76 -4.16 6.16
C LEU A 220 -18.44 -3.38 5.05
N ALA A 221 -19.62 -2.82 5.33
CA ALA A 221 -20.36 -2.05 4.33
C ALA A 221 -19.68 -0.72 4.00
N LYS A 222 -18.72 -0.27 4.81
CA LYS A 222 -18.05 0.99 4.60
C LYS A 222 -16.68 0.83 3.95
N LEU A 223 -16.22 -0.40 3.69
CA LEU A 223 -14.95 -0.59 3.02
C LEU A 223 -15.06 -0.14 1.57
N PRO A 224 -13.96 0.35 0.99
CA PRO A 224 -14.04 0.85 -0.39
C PRO A 224 -14.29 -0.27 -1.36
N PRO A 225 -14.96 0.01 -2.47
CA PRO A 225 -15.11 -1.00 -3.53
C PRO A 225 -13.74 -1.40 -4.08
N LYS A 226 -13.66 -2.62 -4.61
CA LYS A 226 -12.40 -3.10 -5.18
C LYS A 226 -12.00 -2.32 -6.42
N GLY A 227 -12.97 -1.89 -7.22
CA GLY A 227 -12.66 -1.03 -8.35
C GLY A 227 -12.08 0.31 -7.96
N LYS A 228 -12.24 0.71 -6.70
CA LYS A 228 -11.62 1.95 -6.24
C LYS A 228 -10.11 1.82 -6.15
N LEU A 229 -9.61 0.77 -5.49
CA LEU A 229 -8.18 0.55 -5.44
C LEU A 229 -7.59 0.38 -6.84
N ARG A 230 -8.32 -0.33 -7.71
CA ARG A 230 -7.86 -0.51 -9.08
C ARG A 230 -7.82 0.81 -9.83
N SER A 231 -8.78 1.71 -9.56
CA SER A 231 -8.82 2.99 -10.25
C SER A 231 -7.62 3.86 -9.88
N LEU A 232 -7.24 3.87 -8.60
CA LEU A 232 -6.10 4.66 -8.16
C LEU A 232 -4.80 4.16 -8.77
N CYS A 233 -4.62 2.84 -8.84
CA CYS A 233 -3.40 2.30 -9.44
C CYS A 233 -3.32 2.63 -10.92
N SER A 234 -4.46 2.59 -11.61
CA SER A 234 -4.48 2.94 -13.03
C SER A 234 -4.08 4.40 -13.23
N GLN A 235 -4.65 5.29 -12.42
CA GLN A 235 -4.27 6.70 -12.46
C GLN A 235 -2.77 6.86 -12.25
N HIS A 236 -2.23 6.16 -11.26
CA HIS A 236 -0.79 6.23 -11.01
C HIS A 236 0.01 5.84 -12.25
N VAL A 237 -0.35 4.71 -12.88
CA VAL A 237 0.39 4.28 -14.07
C VAL A 237 0.23 5.28 -15.20
N GLU A 238 -0.95 5.90 -15.33
CA GLU A 238 -1.17 6.87 -16.41
C GLU A 238 -0.31 8.12 -16.21
N ARG A 239 -0.27 8.65 -14.98
CA ARG A 239 0.55 9.83 -14.73
C ARG A 239 2.03 9.53 -14.89
N LEU A 240 2.46 8.32 -14.53
CA LEU A 240 3.85 7.94 -14.74
C LEU A 240 4.22 7.98 -16.22
N GLN A 241 3.38 7.41 -17.07
CA GLN A 241 3.69 7.38 -18.50
C GLN A 241 3.73 8.77 -19.10
N ILE A 242 2.95 9.70 -18.54
CA ILE A 242 3.06 11.10 -18.96
C ILE A 242 4.41 11.68 -18.55
N PHE A 243 4.81 11.45 -17.29
CA PHE A 243 6.10 11.95 -16.84
C PHE A 243 7.25 11.30 -17.60
N GLN A 244 7.16 9.98 -17.82
CA GLN A 244 8.22 9.28 -18.53
C GLN A 244 8.39 9.79 -19.96
N HIS A 245 7.29 10.21 -20.59
CA HIS A 245 7.39 10.77 -21.93
C HIS A 245 8.11 12.13 -21.92
N LEU A 246 8.00 12.87 -20.82
CA LEU A 246 8.66 14.17 -20.72
C LEU A 246 10.12 14.04 -20.29
N HIS A 247 10.42 13.08 -19.43
CA HIS A 247 11.77 12.90 -18.88
C HIS A 247 12.17 11.43 -18.96
N PRO A 248 12.32 10.89 -20.18
CA PRO A 248 12.67 9.46 -20.28
C PRO A 248 14.02 9.13 -19.66
N ILE A 249 14.99 10.03 -19.77
CA ILE A 249 16.33 9.74 -19.22
C ILE A 249 16.30 9.77 -17.71
N VAL A 250 15.48 10.64 -17.11
CA VAL A 250 15.33 10.65 -15.66
C VAL A 250 14.86 9.29 -15.17
N VAL A 251 13.84 8.73 -15.83
CA VAL A 251 13.32 7.43 -15.41
C VAL A 251 14.37 6.34 -15.60
N GLN A 252 15.04 6.34 -16.76
CA GLN A 252 16.06 5.36 -17.04
C GLN A 252 17.22 5.46 -16.05
N ALA A 253 17.65 6.67 -15.72
CA ALA A 253 18.90 6.86 -14.97
C ALA A 253 18.72 7.03 -13.47
N ALA A 254 17.54 7.45 -13.00
CA ALA A 254 17.37 7.84 -11.61
C ALA A 254 16.15 7.24 -10.93
N PHE A 255 15.33 6.41 -11.63
CA PHE A 255 14.23 5.77 -10.94
C PHE A 255 14.65 4.37 -10.47
N PRO A 256 14.14 3.91 -9.33
CA PRO A 256 14.53 2.60 -8.81
C PRO A 256 14.12 1.50 -9.77
N PRO A 257 14.97 0.49 -9.96
CA PRO A 257 14.59 -0.60 -10.88
C PRO A 257 13.35 -1.38 -10.46
N LEU A 258 13.13 -1.59 -9.16
CA LEU A 258 11.90 -2.24 -8.73
C LEU A 258 10.67 -1.42 -9.12
N TYR A 259 10.78 -0.10 -9.03
CA TYR A 259 9.68 0.77 -9.44
C TYR A 259 9.37 0.61 -10.92
N LYS A 260 10.41 0.57 -11.77
CA LYS A 260 10.19 0.45 -13.20
C LYS A 260 9.60 -0.91 -13.56
N GLU A 261 10.05 -1.97 -12.90
CA GLU A 261 9.49 -3.30 -13.17
C GLU A 261 8.00 -3.34 -12.89
N LEU A 262 7.56 -2.65 -11.83
CA LEU A 262 6.15 -2.73 -11.44
C LEU A 262 5.27 -1.78 -12.25
N PHE A 263 5.79 -0.61 -12.62
CA PHE A 263 4.92 0.45 -13.13
C PHE A 263 5.27 0.96 -14.52
N SER A 264 6.47 0.69 -15.04
CA SER A 264 6.84 1.18 -16.36
C SER A 264 6.49 0.16 -17.44
N GLY A 265 6.77 0.51 -18.68
CA GLY A 265 6.47 -0.34 -19.81
C GLY A 265 7.54 -0.32 -20.88
N LYS A 271 12.88 -9.27 -12.97
CA LYS A 271 14.21 -9.49 -12.41
C LYS A 271 14.28 -9.19 -10.91
N ILE A 272 13.78 -8.02 -10.50
CA ILE A 272 13.96 -7.58 -9.10
C ILE A 272 13.02 -8.35 -8.18
N LEU A 273 11.74 -8.44 -8.52
CA LEU A 273 10.79 -9.16 -7.69
C LEU A 273 11.23 -10.61 -7.51
N HIS A 274 11.72 -11.23 -8.57
CA HIS A 274 12.19 -12.61 -8.50
C HIS A 274 13.27 -12.79 -7.43
N ARG A 275 14.25 -11.88 -7.39
CA ARG A 275 15.32 -12.05 -6.42
C ARG A 275 14.89 -11.69 -5.01
N LEU A 276 13.98 -10.73 -4.85
CA LEU A 276 13.42 -10.44 -3.54
C LEU A 276 12.72 -11.66 -2.96
N LEU A 277 11.97 -12.38 -3.80
CA LEU A 277 11.22 -13.54 -3.32
C LEU A 277 12.16 -14.70 -3.03
N GLN A 278 13.22 -14.87 -3.83
CA GLN A 278 14.12 -15.99 -3.66
C GLN A 278 15.11 -15.76 -2.53
N ASP A 279 15.61 -14.52 -2.38
CA ASP A 279 16.68 -14.26 -1.41
C ASP A 279 16.22 -14.47 0.03
N SER A 280 14.91 -14.36 0.28
CA SER A 280 14.33 -14.46 1.61
C SER A 280 14.81 -13.34 2.53
NA NA B . -5.52 8.03 9.48
C1 GOL C . 20.07 1.57 -11.85
O1 GOL C . 21.35 2.20 -11.72
C2 GOL C . 18.94 2.60 -11.88
O2 GOL C . 17.90 2.12 -12.72
C3 GOL C . 19.45 3.90 -12.49
O3 GOL C . 19.89 3.61 -13.80
N1 ZBD D . 1.33 11.29 0.11
C7 ZBD D . 1.29 12.08 -1.13
C8 ZBD D . 1.74 11.24 -2.30
C10 ZBD D . 1.25 9.73 -4.09
C13 ZBD D . 3.08 11.22 -2.65
C15 ZBD D . 2.24 7.59 -5.78
C24 ZBD D . 0.22 10.78 0.82
C26 ZBD D . -0.50 9.47 2.70
C28 ZBD D . -2.13 10.34 1.19
O31 ZBD D . 3.25 11.96 1.57
S5 ZBD D . 2.66 10.81 0.99
O30 ZBD D . 3.38 9.86 0.21
C25 ZBD D . 0.53 10.06 1.96
N6 ZBD D . 1.91 9.98 2.23
C32 ZBD D . 2.55 9.30 3.36
C33 ZBD D . 3.25 8.05 2.81
C34 ZBD D . 4.02 7.37 3.94
C2 ZBD D . 4.13 5.88 3.69
N4 ZBD D . 3.49 5.04 4.51
C39 ZBD D . 2.70 5.59 5.61
C37 ZBD D . 3.61 3.59 4.28
C40 ZBD D . 2.43 3.12 3.43
C35 ZBD D . 3.76 2.82 5.61
C38 ZBD D . 2.44 2.31 6.22
O36 ZBD D . 2.05 3.11 7.34
O3 ZBD D . 4.79 5.46 2.77
C27 ZBD D . -1.81 9.61 2.32
C29 ZBD D . -1.13 10.91 0.44
C12 ZBD D . 3.50 10.45 -3.72
C11 ZBD D . 2.58 9.71 -4.46
C9 ZBD D . 0.82 10.49 -3.02
C14 ZBD D . 3.08 8.87 -5.62
O17 ZBD D . 4.42 8.49 -5.33
C16 ZBD D . 3.05 9.69 -6.94
F20 ZBD D . 1.94 9.34 -7.70
F19 ZBD D . 4.20 9.40 -7.67
F18 ZBD D . 3.02 11.05 -6.67
F21 ZBD D . 0.97 7.85 -6.30
F22 ZBD D . 2.91 6.74 -6.67
F23 ZBD D . 2.09 6.92 -4.56
#